data_3QM5
#
_entry.id   3QM5
#
_cell.length_a   34.063
_cell.length_b   51.989
_cell.length_c   38.609
_cell.angle_alpha   90.00
_cell.angle_beta   104.03
_cell.angle_gamma   90.00
#
_symmetry.space_group_name_H-M   'P 1 21 1'
#
loop_
_entity.id
_entity.type
_entity.pdbx_description
1 polymer Myoglobin
2 non-polymer 'PROTOPORPHYRIN IX CONTAINING FE'
3 non-polymer 'OXYGEN MOLECULE'
4 non-polymer 1,2-ETHANEDIOL
5 water water
#
_entity_poly.entity_id   1
_entity_poly.type   'polypeptide(L)'
_entity_poly.pdbx_seq_one_letter_code
;(ACE)ADFDAVLKCWGPVEADYTTIGGLVLTRLFKEHPETQKLFPKFAGIAQADIAGNAAVSAHGATVLKKLGELLKAKG
SHAAILKPLANSHATKHKIPINNFKLISEVLVKVMQEKAGLDAGGQTALRNVMGIIIADLEANYKELGFS
;
_entity_poly.pdbx_strand_id   A
#
# COMPACT_ATOMS: atom_id res chain seq x y z
N ALA A 2 15.41 7.92 -10.05
CA ALA A 2 15.09 9.27 -9.57
C ALA A 2 13.69 9.36 -8.94
N ASP A 3 12.73 8.59 -9.47
CA ASP A 3 11.38 8.67 -8.92
C ASP A 3 11.34 8.11 -7.49
N PHE A 4 12.19 7.11 -7.16
CA PHE A 4 12.26 6.66 -5.82
C PHE A 4 12.76 7.75 -4.87
N ASP A 5 13.78 8.50 -5.31
CA ASP A 5 14.31 9.59 -4.52
C ASP A 5 13.26 10.71 -4.32
N ALA A 6 12.45 10.98 -5.37
CA ALA A 6 11.43 11.97 -5.25
C ALA A 6 10.41 11.60 -4.15
N VAL A 7 10.03 10.34 -4.11
CA VAL A 7 9.10 9.88 -3.07
C VAL A 7 9.76 9.98 -1.69
N LEU A 8 11.00 9.50 -1.60
CA LEU A 8 11.70 9.47 -0.32
C LEU A 8 11.91 10.84 0.27
N LYS A 9 12.01 11.86 -0.57
N LYS A 9 12.00 11.86 -0.56
CA LYS A 9 12.10 13.24 -0.08
CA LYS A 9 12.06 13.24 -0.10
C LYS A 9 10.88 13.72 0.62
C LYS A 9 10.86 13.68 0.69
N CYS A 10 9.76 12.94 0.60
CA CYS A 10 8.53 13.24 1.31
C CYS A 10 8.09 12.11 2.23
N TRP A 11 8.97 11.12 2.49
CA TRP A 11 8.58 9.99 3.28
C TRP A 11 8.65 10.28 4.79
N GLY A 12 9.36 11.35 5.16
CA GLY A 12 9.53 11.66 6.58
C GLY A 12 8.24 11.69 7.38
N PRO A 13 7.20 12.38 6.93
CA PRO A 13 5.94 12.45 7.68
C PRO A 13 5.24 11.11 7.77
N VAL A 14 5.47 10.23 6.80
CA VAL A 14 4.87 8.90 6.77
C VAL A 14 5.51 8.05 7.86
N GLU A 15 6.83 7.92 7.78
CA GLU A 15 7.72 7.12 8.74
CA GLU A 15 7.54 7.05 8.68
C GLU A 15 7.62 7.68 10.14
N ALA A 16 7.36 8.99 10.26
CA ALA A 16 7.24 9.61 11.58
C ALA A 16 6.05 9.04 12.36
N ASP A 17 5.05 8.55 11.63
CA ASP A 17 3.84 8.06 12.36
CA ASP A 17 3.78 8.26 12.18
C ASP A 17 3.13 7.06 11.42
N TYR A 18 3.78 5.89 11.36
CA TYR A 18 3.24 4.84 10.51
C TYR A 18 1.86 4.41 10.97
N THR A 19 1.59 4.43 12.28
CA THR A 19 0.27 4.07 12.78
C THR A 19 -0.81 5.06 12.32
N THR A 20 -0.59 6.38 12.52
CA THR A 20 -1.62 7.30 12.14
C THR A 20 -1.81 7.31 10.62
N ILE A 21 -0.73 7.38 9.88
CA ILE A 21 -0.82 7.44 8.44
CA ILE A 21 -0.86 7.49 8.43
C ILE A 21 -1.35 6.12 7.88
N GLY A 22 -0.92 5.00 8.47
CA GLY A 22 -1.41 3.69 8.07
C GLY A 22 -2.90 3.57 8.25
N GLY A 23 -3.39 4.03 9.41
CA GLY A 23 -4.82 4.02 9.65
C GLY A 23 -5.55 4.93 8.67
N LEU A 24 -5.01 6.08 8.37
CA LEU A 24 -5.65 6.99 7.37
CA LEU A 24 -5.67 6.97 7.38
C LEU A 24 -5.77 6.27 6.02
N VAL A 25 -4.70 5.61 5.58
CA VAL A 25 -4.72 4.92 4.28
C VAL A 25 -5.80 3.85 4.29
N LEU A 26 -5.80 2.94 5.27
CA LEU A 26 -6.78 1.86 5.24
C LEU A 26 -8.20 2.37 5.44
N THR A 27 -8.40 3.38 6.31
CA THR A 27 -9.74 3.92 6.49
C THR A 27 -10.27 4.46 5.17
N ARG A 28 -9.44 5.24 4.47
CA ARG A 28 -9.82 5.80 3.17
CA ARG A 28 -9.83 5.79 3.17
CA ARG A 28 -9.88 5.80 3.21
C ARG A 28 -10.07 4.71 2.14
N LEU A 29 -9.20 3.70 2.10
CA LEU A 29 -9.37 2.59 1.17
C LEU A 29 -10.74 1.94 1.37
N PHE A 30 -11.08 1.63 2.65
CA PHE A 30 -12.31 0.95 2.92
C PHE A 30 -13.54 1.82 2.67
N LYS A 31 -13.41 3.13 2.89
CA LYS A 31 -14.50 4.07 2.65
CA LYS A 31 -14.51 4.05 2.63
C LYS A 31 -14.76 4.19 1.13
N GLU A 32 -13.69 4.37 0.36
CA GLU A 32 -13.81 4.68 -1.04
C GLU A 32 -13.99 3.44 -1.92
N HIS A 33 -13.56 2.29 -1.39
CA HIS A 33 -13.53 1.03 -2.13
C HIS A 33 -13.99 -0.06 -1.20
N PRO A 34 -15.29 -0.09 -0.85
CA PRO A 34 -15.76 -0.94 0.25
C PRO A 34 -15.56 -2.43 -0.02
N GLU A 35 -15.48 -2.85 -1.27
CA GLU A 35 -15.19 -4.24 -1.58
C GLU A 35 -13.83 -4.68 -1.09
N THR A 36 -12.91 -3.74 -0.93
CA THR A 36 -11.56 -4.12 -0.45
C THR A 36 -11.62 -4.55 1.01
N GLN A 37 -12.55 -3.97 1.80
CA GLN A 37 -12.64 -4.36 3.22
C GLN A 37 -12.96 -5.81 3.41
N LYS A 38 -13.77 -6.33 2.46
CA LYS A 38 -14.17 -7.68 2.57
CA LYS A 38 -14.16 -7.71 2.49
C LYS A 38 -12.99 -8.67 2.30
N LEU A 39 -11.90 -8.17 1.72
CA LEU A 39 -10.71 -8.97 1.51
C LEU A 39 -9.81 -9.12 2.75
N PHE A 40 -10.19 -8.42 3.85
CA PHE A 40 -9.52 -8.54 5.13
C PHE A 40 -10.53 -9.20 6.08
N PRO A 41 -10.53 -10.52 6.20
CA PRO A 41 -11.56 -11.13 7.08
C PRO A 41 -11.53 -10.59 8.52
N LYS A 42 -10.37 -10.15 9.01
CA LYS A 42 -10.33 -9.63 10.36
CA LYS A 42 -10.32 -9.59 10.34
C LYS A 42 -11.10 -8.30 10.49
N PHE A 43 -11.23 -7.56 9.39
CA PHE A 43 -11.83 -6.24 9.40
C PHE A 43 -13.18 -6.19 8.67
N ALA A 44 -13.50 -7.17 7.83
CA ALA A 44 -14.73 -7.15 7.06
C ALA A 44 -15.93 -7.07 8.01
N GLY A 45 -16.87 -6.20 7.68
CA GLY A 45 -18.08 -6.08 8.49
C GLY A 45 -17.99 -5.02 9.61
N ILE A 46 -16.78 -4.45 9.87
CA ILE A 46 -16.71 -3.35 10.80
C ILE A 46 -17.39 -2.11 10.18
N ALA A 47 -18.37 -1.54 10.88
CA ALA A 47 -19.03 -0.33 10.41
C ALA A 47 -18.01 0.74 10.08
N GLN A 48 -18.23 1.40 8.94
CA GLN A 48 -17.29 2.38 8.43
CA GLN A 48 -17.16 2.34 8.46
C GLN A 48 -16.92 3.44 9.47
N ALA A 49 -17.94 3.89 10.20
CA ALA A 49 -17.73 4.95 11.18
C ALA A 49 -16.78 4.52 12.31
N ASP A 50 -16.56 3.24 12.49
CA ASP A 50 -15.75 2.80 13.58
CA ASP A 50 -15.74 2.66 13.54
C ASP A 50 -14.30 2.40 13.13
N ILE A 51 -13.97 2.60 11.86
CA ILE A 51 -12.68 2.18 11.31
CA ILE A 51 -12.67 2.19 11.32
C ILE A 51 -11.56 3.19 11.70
N ALA A 52 -11.84 4.49 11.60
CA ALA A 52 -10.77 5.47 11.83
C ALA A 52 -10.18 5.39 13.23
N GLY A 53 -10.98 5.01 14.21
CA GLY A 53 -10.53 4.88 15.57
C GLY A 53 -10.04 3.51 15.93
N ASN A 54 -9.98 2.57 14.96
CA ASN A 54 -9.65 1.20 15.31
C ASN A 54 -8.15 0.98 15.30
N ALA A 55 -7.60 0.65 16.47
CA ALA A 55 -6.16 0.50 16.66
C ALA A 55 -5.61 -0.70 15.82
N ALA A 56 -6.37 -1.76 15.68
CA ALA A 56 -5.88 -2.90 14.91
C ALA A 56 -5.78 -2.58 13.43
N VAL A 57 -6.76 -1.81 12.91
CA VAL A 57 -6.66 -1.35 11.51
C VAL A 57 -5.41 -0.51 11.33
N SER A 58 -5.21 0.46 12.25
CA SER A 58 -4.04 1.33 12.12
CA SER A 58 -4.05 1.27 12.19
CA SER A 58 -4.06 1.32 12.04
C SER A 58 -2.74 0.52 12.22
N ALA A 59 -2.68 -0.48 13.12
CA ALA A 59 -1.49 -1.31 13.24
C ALA A 59 -1.23 -2.06 11.95
N HIS A 60 -2.24 -2.58 11.28
CA HIS A 60 -2.01 -3.26 10.01
C HIS A 60 -1.55 -2.24 8.95
N GLY A 61 -2.15 -1.04 8.94
CA GLY A 61 -1.70 -0.03 8.01
C GLY A 61 -0.22 0.32 8.22
N ALA A 62 0.22 0.34 9.49
CA ALA A 62 1.64 0.55 9.76
C ALA A 62 2.47 -0.54 9.20
N THR A 63 2.05 -1.81 9.28
CA THR A 63 2.79 -2.92 8.68
C THR A 63 2.96 -2.71 7.17
N VAL A 64 1.87 -2.31 6.51
CA VAL A 64 1.89 -2.08 5.07
C VAL A 64 2.89 -0.99 4.72
N LEU A 65 2.79 0.16 5.41
CA LEU A 65 3.63 1.30 5.07
C LEU A 65 5.11 1.02 5.42
N LYS A 66 5.37 0.29 6.50
CA LYS A 66 6.76 -0.09 6.80
CA LYS A 66 6.77 0.00 6.78
C LYS A 66 7.33 -0.90 5.68
N LYS A 67 6.57 -1.87 5.15
CA LYS A 67 7.05 -2.70 4.06
C LYS A 67 7.27 -1.85 2.81
N LEU A 68 6.35 -0.92 2.50
CA LEU A 68 6.54 -0.03 1.38
CA LEU A 68 6.59 -0.05 1.36
C LEU A 68 7.78 0.82 1.58
N GLY A 69 8.04 1.32 2.80
CA GLY A 69 9.24 2.08 3.06
C GLY A 69 10.49 1.29 2.79
N GLU A 70 10.51 0.05 3.34
N GLU A 70 10.43 -0.01 3.05
CA GLU A 70 11.71 -0.84 3.24
CA GLU A 70 11.52 -0.89 2.68
C GLU A 70 12.04 -1.07 1.77
C GLU A 70 11.70 -1.00 1.20
N LEU A 71 10.99 -1.32 0.96
N LEU A 71 10.59 -1.15 0.46
CA LEU A 71 11.16 -1.41 -0.49
CA LEU A 71 10.64 -1.23 -0.99
C LEU A 71 11.77 -0.11 -1.12
C LEU A 71 11.18 0.05 -1.53
N LEU A 72 11.24 1.10 -0.81
N LEU A 72 10.65 1.18 -1.06
CA LEU A 72 11.76 2.39 -1.37
CA LEU A 72 11.09 2.47 -1.65
C LEU A 72 13.20 2.54 -1.05
C LEU A 72 12.59 2.67 -1.45
N LYS A 73 13.56 2.16 0.13
N LYS A 73 13.11 2.34 -0.26
CA LYS A 73 14.88 2.44 0.58
CA LYS A 73 14.52 2.54 0.04
C LYS A 73 15.78 1.43 -0.06
C LYS A 73 15.43 1.67 -0.74
N ALA A 74 15.12 0.49 -0.95
CA ALA A 74 15.70 -0.32 -1.98
C ALA A 74 15.82 0.26 -3.46
N LYS A 75 15.01 1.27 -3.87
CA LYS A 75 15.18 1.93 -5.15
C LYS A 75 15.29 1.02 -6.35
N GLY A 76 14.39 0.05 -6.41
CA GLY A 76 14.20 -0.83 -7.57
C GLY A 76 14.69 -2.25 -7.49
N SER A 77 15.70 -2.46 -6.65
CA SER A 77 16.33 -3.75 -6.57
C SER A 77 15.69 -4.40 -5.40
N HIS A 78 14.48 -4.79 -5.68
CA HIS A 78 13.75 -5.37 -4.59
CA HIS A 78 13.53 -5.25 -4.61
C HIS A 78 13.16 -6.83 -4.58
N ALA A 79 13.79 -7.78 -5.33
CA ALA A 79 13.16 -9.01 -5.52
C ALA A 79 12.98 -9.89 -4.24
N ALA A 80 13.97 -9.82 -3.32
CA ALA A 80 13.90 -10.55 -2.03
C ALA A 80 12.79 -10.00 -1.11
N ILE A 81 12.34 -8.78 -1.34
CA ILE A 81 11.24 -8.20 -0.58
CA ILE A 81 11.27 -8.18 -0.64
C ILE A 81 9.86 -8.47 -1.30
N LEU A 82 9.90 -8.22 -2.60
CA LEU A 82 8.62 -8.22 -3.51
CA LEU A 82 8.62 -8.26 -3.47
C LEU A 82 8.10 -9.66 -3.83
N LYS A 83 8.97 -10.61 -4.08
CA LYS A 83 8.50 -11.97 -4.40
CA LYS A 83 8.50 -11.97 -4.40
C LYS A 83 7.72 -12.58 -3.24
N PRO A 84 8.21 -12.48 -2.00
CA PRO A 84 7.41 -13.03 -0.87
C PRO A 84 6.06 -12.33 -0.74
N LEU A 85 6.00 -11.04 -1.02
CA LEU A 85 4.76 -10.30 -0.89
CA LEU A 85 4.75 -10.25 -0.96
C LEU A 85 3.76 -10.78 -1.97
N ALA A 86 4.24 -11.00 -3.20
CA ALA A 86 3.37 -11.56 -4.24
C ALA A 86 2.86 -12.93 -3.79
N ASN A 87 3.79 -13.75 -3.29
CA ASN A 87 3.43 -15.11 -2.90
C ASN A 87 2.31 -15.10 -1.86
N SER A 88 2.48 -14.30 -0.78
CA SER A 88 1.46 -14.34 0.27
CA SER A 88 1.56 -14.23 0.29
C SER A 88 0.17 -13.71 -0.21
N HIS A 89 0.25 -12.63 -0.99
CA HIS A 89 -0.99 -11.96 -1.40
C HIS A 89 -1.79 -12.77 -2.43
N ALA A 90 -1.11 -13.51 -3.31
CA ALA A 90 -1.84 -14.35 -4.24
C ALA A 90 -2.37 -15.61 -3.56
N THR A 91 -1.52 -16.28 -2.75
CA THR A 91 -1.83 -17.64 -2.30
C THR A 91 -2.45 -17.73 -0.92
N LYS A 92 -2.15 -16.79 -0.03
CA LYS A 92 -2.69 -16.80 1.33
C LYS A 92 -3.87 -15.84 1.43
N HIS A 93 -3.67 -14.59 1.03
CA HIS A 93 -4.69 -13.57 1.22
C HIS A 93 -5.68 -13.51 0.07
N LYS A 94 -5.28 -13.99 -1.10
CA LYS A 94 -6.15 -14.14 -2.29
C LYS A 94 -6.63 -12.76 -2.77
N ILE A 95 -5.71 -11.85 -2.99
CA ILE A 95 -6.01 -10.46 -3.33
C ILE A 95 -5.90 -10.25 -4.86
N PRO A 96 -7.00 -9.95 -5.54
CA PRO A 96 -6.86 -9.65 -6.97
C PRO A 96 -5.98 -8.42 -7.18
N ILE A 97 -5.08 -8.45 -8.20
N ILE A 97 -5.23 -8.49 -8.30
CA ILE A 97 -4.09 -7.35 -8.50
CA ILE A 97 -4.19 -7.52 -8.51
C ILE A 97 -4.66 -5.96 -8.53
C ILE A 97 -4.65 -6.05 -8.56
N ASN A 98 -5.87 -5.81 -9.09
CA ASN A 98 -6.40 -4.44 -9.23
CA ASN A 98 -6.29 -4.42 -9.20
C ASN A 98 -6.42 -3.72 -7.86
N ASN A 99 -6.58 -4.46 -6.78
CA ASN A 99 -6.66 -3.81 -5.47
C ASN A 99 -5.39 -3.07 -5.10
N PHE A 100 -4.24 -3.49 -5.63
CA PHE A 100 -3.00 -2.75 -5.38
C PHE A 100 -3.05 -1.37 -6.03
N LYS A 101 -3.70 -1.25 -7.20
CA LYS A 101 -3.85 0.06 -7.83
C LYS A 101 -4.70 0.98 -6.92
N LEU A 102 -5.74 0.40 -6.33
CA LEU A 102 -6.66 1.18 -5.48
C LEU A 102 -5.90 1.74 -4.27
N ILE A 103 -5.14 0.89 -3.56
CA ILE A 103 -4.44 1.40 -2.38
C ILE A 103 -3.35 2.40 -2.81
N SER A 104 -2.74 2.20 -3.98
N SER A 104 -2.73 2.21 -3.98
CA SER A 104 -1.74 3.15 -4.44
CA SER A 104 -1.70 3.16 -4.47
C SER A 104 -2.42 4.54 -4.68
C SER A 104 -2.31 4.56 -4.61
N GLU A 105 -3.62 4.60 -5.29
N GLU A 105 -3.47 4.64 -5.23
CA GLU A 105 -4.31 5.89 -5.50
CA GLU A 105 -4.08 5.92 -5.42
C GLU A 105 -4.60 6.55 -4.16
C GLU A 105 -4.47 6.56 -4.12
N VAL A 106 -4.99 5.76 -3.16
CA VAL A 106 -5.23 6.32 -1.83
C VAL A 106 -3.95 6.90 -1.26
N LEU A 107 -2.87 6.17 -1.37
CA LEU A 107 -1.57 6.65 -0.84
CA LEU A 107 -1.60 6.66 -0.80
C LEU A 107 -1.16 7.95 -1.48
N VAL A 108 -1.31 8.09 -2.79
CA VAL A 108 -0.91 9.32 -3.44
C VAL A 108 -1.66 10.49 -2.81
N LYS A 109 -2.97 10.35 -2.64
CA LYS A 109 -3.81 11.41 -2.05
CA LYS A 109 -3.77 11.43 -2.09
C LYS A 109 -3.40 11.69 -0.62
N VAL A 110 -3.15 10.64 0.17
CA VAL A 110 -2.74 10.86 1.57
C VAL A 110 -1.42 11.57 1.61
N MET A 111 -0.46 11.23 0.76
CA MET A 111 0.84 11.91 0.77
C MET A 111 0.71 13.34 0.27
N GLN A 112 -0.15 13.62 -0.69
CA GLN A 112 -0.40 14.98 -1.14
CA GLN A 112 -0.43 14.99 -1.10
C GLN A 112 -0.92 15.82 0.07
N GLU A 113 -1.84 15.24 0.78
N GLU A 113 -1.81 15.24 0.91
CA GLU A 113 -2.52 15.95 1.89
CA GLU A 113 -2.48 15.99 1.99
C GLU A 113 -1.61 16.08 3.16
C GLU A 113 -1.66 16.01 3.27
N LYS A 114 -0.82 15.03 3.49
CA LYS A 114 -0.19 14.90 4.78
C LYS A 114 1.32 14.94 4.73
N ALA A 115 1.95 14.80 3.56
CA ALA A 115 3.37 14.61 3.46
C ALA A 115 4.04 15.55 2.52
N GLY A 116 3.34 16.57 2.03
CA GLY A 116 3.98 17.55 1.19
C GLY A 116 4.34 17.10 -0.22
N LEU A 117 3.71 16.04 -0.70
CA LEU A 117 4.07 15.48 -2.00
C LEU A 117 3.45 16.32 -3.10
N ASP A 118 4.25 17.01 -3.88
CA ASP A 118 3.81 17.97 -4.88
C ASP A 118 3.46 17.26 -6.21
N ALA A 119 3.11 18.05 -7.22
CA ALA A 119 2.64 17.46 -8.46
C ALA A 119 3.66 16.50 -9.05
N GLY A 120 4.91 16.89 -9.09
CA GLY A 120 5.92 16.00 -9.65
C GLY A 120 6.14 14.78 -8.77
N GLY A 121 6.01 14.96 -7.45
CA GLY A 121 6.11 13.84 -6.54
C GLY A 121 4.98 12.85 -6.66
N GLN A 122 3.76 13.35 -6.95
CA GLN A 122 2.61 12.49 -7.19
C GLN A 122 2.84 11.61 -8.39
N THR A 123 3.35 12.21 -9.48
CA THR A 123 3.70 11.44 -10.67
C THR A 123 4.80 10.39 -10.34
N ALA A 124 5.83 10.82 -9.61
CA ALA A 124 6.89 9.90 -9.23
C ALA A 124 6.33 8.70 -8.44
N LEU A 125 5.44 8.98 -7.48
CA LEU A 125 4.87 7.88 -6.70
C LEU A 125 4.02 6.98 -7.58
N ARG A 126 3.20 7.54 -8.46
CA ARG A 126 2.46 6.66 -9.40
CA ARG A 126 2.45 6.66 -9.39
C ARG A 126 3.41 5.79 -10.20
N ASN A 127 4.53 6.35 -10.65
CA ASN A 127 5.49 5.58 -11.43
C ASN A 127 6.06 4.43 -10.59
N VAL A 128 6.49 4.74 -9.36
CA VAL A 128 7.06 3.73 -8.46
C VAL A 128 6.04 2.63 -8.14
N MET A 129 4.79 3.05 -7.82
CA MET A 129 3.79 2.07 -7.54
C MET A 129 3.49 1.22 -8.78
N GLY A 130 3.56 1.83 -9.97
CA GLY A 130 3.38 1.05 -11.18
C GLY A 130 4.44 0.00 -11.36
N ILE A 131 5.72 0.30 -11.02
CA ILE A 131 6.78 -0.67 -11.04
C ILE A 131 6.47 -1.81 -10.08
N ILE A 132 6.09 -1.46 -8.84
CA ILE A 132 5.81 -2.46 -7.84
C ILE A 132 4.65 -3.35 -8.27
N ILE A 133 3.57 -2.76 -8.75
CA ILE A 133 2.40 -3.51 -9.13
C ILE A 133 2.67 -4.43 -10.33
N ALA A 134 3.44 -3.92 -11.31
CA ALA A 134 3.79 -4.78 -12.44
C ALA A 134 4.63 -5.95 -12.01
N ASP A 135 5.53 -5.77 -11.04
CA ASP A 135 6.29 -6.90 -10.55
CA ASP A 135 6.37 -6.85 -10.49
C ASP A 135 5.43 -7.87 -9.79
N LEU A 136 4.53 -7.37 -8.93
CA LEU A 136 3.55 -8.26 -8.28
C LEU A 136 2.77 -9.06 -9.32
N GLU A 137 2.31 -8.40 -10.36
CA GLU A 137 1.52 -9.06 -11.38
CA GLU A 137 1.51 -9.07 -11.36
C GLU A 137 2.32 -10.15 -12.11
N ALA A 138 3.57 -9.86 -12.41
CA ALA A 138 4.41 -10.84 -13.09
C ALA A 138 4.62 -12.07 -12.17
N ASN A 139 4.80 -11.84 -10.89
CA ASN A 139 4.94 -12.92 -9.90
CA ASN A 139 4.97 -12.97 -10.00
C ASN A 139 3.64 -13.72 -9.74
N TYR A 140 2.50 -12.99 -9.70
CA TYR A 140 1.20 -13.66 -9.70
C TYR A 140 1.10 -14.62 -10.90
N LYS A 141 1.53 -14.15 -12.08
CA LYS A 141 1.42 -15.00 -13.29
C LYS A 141 2.26 -16.25 -13.12
N GLU A 142 3.48 -16.11 -12.55
N GLU A 142 3.48 -16.14 -12.56
CA GLU A 142 4.34 -17.26 -12.32
CA GLU A 142 4.33 -17.28 -12.33
C GLU A 142 3.69 -18.30 -11.40
C GLU A 142 3.69 -18.30 -11.39
N LEU A 143 2.79 -17.85 -10.51
CA LEU A 143 2.06 -18.72 -9.60
C LEU A 143 0.75 -19.27 -10.21
N GLY A 144 0.40 -18.85 -11.40
CA GLY A 144 -0.85 -19.26 -12.01
C GLY A 144 -2.03 -18.33 -11.82
N PHE A 145 -1.79 -17.07 -11.46
N PHE A 145 -1.79 -17.07 -11.51
CA PHE A 145 -2.88 -16.10 -11.14
CA PHE A 145 -2.83 -16.08 -11.34
C PHE A 145 -2.82 -14.89 -12.11
C PHE A 145 -2.67 -14.98 -12.42
N SER A 146 -2.76 -15.18 -13.40
N SER A 146 -3.73 -14.84 -13.25
CA SER A 146 -2.72 -14.09 -14.37
CA SER A 146 -3.70 -13.82 -14.33
C SER A 146 -4.17 -13.55 -14.55
C SER A 146 -4.52 -12.72 -14.12
#